data_5GJ9
#
_entry.id   5GJ9
#
_cell.length_a   49.378
_cell.length_b   95.096
_cell.length_c   70.145
_cell.angle_alpha   90.00
_cell.angle_beta   105.91
_cell.angle_gamma   90.00
#
_symmetry.space_group_name_H-M   'P 1 21 1'
#
loop_
_entity.id
_entity.type
_entity.pdbx_description
1 polymer '1-aminocyclopropane-1-carboxylate oxidase 2'
2 non-polymer 'ZINC ION'
3 non-polymer 'PYRAZINE-2-CARBOXYLIC ACID'
4 water water
#
_entity_poly.entity_id   1
_entity_poly.type   'polypeptide(L)'
_entity_poly.pdbx_seq_one_letter_code
;MEKNMKFPVVDLSKLNGEERDQTMALINEACENWGFFEIVNHGLPHDLMDKIEKMTKDHYKTCQEQKFNDMLKSKGLDNL
ETEVEDVDWESTFYVRHLPQSNLNDISDVSDEYRTAMKDFGKRLENLAEDLLDLLCENLGLEKGYLKKVFHGTKGPTFGT
KVSNYPPCPKPEMIKGLRAHTDAGGIILLFQDDKVSGLQLLKDGDWIDVPPLNHSIVINLGDQLEVITNGKYKSVLHRVV
TQQEGNRMSVASFYNPGSDAEISPATSLVEKDSEYPSFVFDDYMKLYAGVKFQPKEPRFAAMK
;
_entity_poly.pdbx_strand_id   A,B
#
loop_
_chem_comp.id
_chem_comp.type
_chem_comp.name
_chem_comp.formula
VGL non-polymer 'PYRAZINE-2-CARBOXYLIC ACID' 'C5 H4 N2 O2'
ZN non-polymer 'ZINC ION' 'Zn 2'
#
# COMPACT_ATOMS: atom_id res chain seq x y z
N LYS A 6 -1.07 -20.04 -9.04
CA LYS A 6 -1.01 -18.73 -8.38
C LYS A 6 -0.90 -17.59 -9.41
N PHE A 7 -1.44 -16.44 -9.05
CA PHE A 7 -1.60 -15.37 -10.02
C PHE A 7 -0.23 -14.84 -10.45
N PRO A 8 0.04 -14.75 -11.75
CA PRO A 8 1.37 -14.33 -12.22
C PRO A 8 1.68 -12.87 -11.90
N VAL A 9 2.79 -12.65 -11.20
CA VAL A 9 3.35 -11.31 -10.99
C VAL A 9 4.74 -11.31 -11.64
N VAL A 10 4.96 -10.38 -12.56
CA VAL A 10 6.18 -10.33 -13.37
C VAL A 10 7.00 -9.12 -12.97
N ASP A 11 8.27 -9.34 -12.61
CA ASP A 11 9.21 -8.26 -12.26
C ASP A 11 9.91 -7.78 -13.53
N LEU A 12 9.46 -6.64 -14.07
CA LEU A 12 9.98 -6.17 -15.34
C LEU A 12 11.45 -5.77 -15.26
N SER A 13 11.95 -5.45 -14.06
CA SER A 13 13.37 -5.13 -13.93
C SER A 13 14.25 -6.33 -14.28
N LYS A 14 13.71 -7.54 -14.26
CA LYS A 14 14.47 -8.73 -14.60
C LYS A 14 14.68 -8.90 -16.10
N LEU A 15 14.23 -7.94 -16.91
CA LEU A 15 14.47 -7.96 -18.35
C LEU A 15 15.85 -7.42 -18.74
N ASN A 16 16.54 -6.74 -17.82
CA ASN A 16 17.77 -6.02 -18.15
C ASN A 16 19.03 -6.87 -18.09
N GLY A 17 18.92 -8.13 -17.64
CA GLY A 17 20.11 -8.95 -17.48
C GLY A 17 19.93 -10.42 -17.84
N GLU A 18 20.50 -11.29 -17.00
CA GLU A 18 20.59 -12.71 -17.26
C GLU A 18 19.30 -13.47 -17.01
N GLU A 19 18.33 -12.86 -16.31
CA GLU A 19 17.04 -13.49 -16.05
C GLU A 19 16.02 -13.15 -17.13
N ARG A 20 16.44 -12.53 -18.23
CA ARG A 20 15.49 -12.04 -19.22
C ARG A 20 14.67 -13.17 -19.83
N ASP A 21 15.33 -14.25 -20.22
CA ASP A 21 14.62 -15.33 -20.91
C ASP A 21 13.58 -15.99 -20.01
N GLN A 22 13.93 -16.25 -18.74
CA GLN A 22 12.93 -16.78 -17.81
C GLN A 22 11.76 -15.83 -17.67
N THR A 23 12.03 -14.53 -17.65
CA THR A 23 10.98 -13.54 -17.44
C THR A 23 10.06 -13.43 -18.65
N MET A 24 10.65 -13.36 -19.86
CA MET A 24 9.84 -13.36 -21.09
C MET A 24 8.98 -14.61 -21.17
N ALA A 25 9.55 -15.75 -20.81
CA ALA A 25 8.82 -17.00 -20.82
C ALA A 25 7.61 -16.94 -19.89
N LEU A 26 7.76 -16.31 -18.72
CA LEU A 26 6.64 -16.13 -17.81
C LEU A 26 5.59 -15.19 -18.40
N ILE A 27 6.04 -14.14 -19.10
CA ILE A 27 5.08 -13.24 -19.77
C ILE A 27 4.28 -14.01 -20.81
N ASN A 28 4.95 -14.84 -21.60
CA ASN A 28 4.26 -15.65 -22.60
C ASN A 28 3.27 -16.61 -21.95
N GLU A 29 3.70 -17.28 -20.87
CA GLU A 29 2.84 -18.24 -20.18
C GLU A 29 1.58 -17.57 -19.64
N ALA A 30 1.71 -16.37 -19.07
CA ALA A 30 0.53 -15.65 -18.61
C ALA A 30 -0.37 -15.25 -19.79
N CYS A 31 0.24 -14.78 -20.90
CA CYS A 31 -0.55 -14.41 -22.07
C CYS A 31 -1.35 -15.59 -22.63
N GLU A 32 -0.75 -16.79 -22.61
CA GLU A 32 -1.44 -17.97 -23.13
C GLU A 32 -2.51 -18.48 -22.19
N ASN A 33 -2.23 -18.49 -20.89
CA ASN A 33 -3.01 -19.32 -19.97
C ASN A 33 -3.81 -18.53 -18.95
N TRP A 34 -3.50 -17.27 -18.73
CA TRP A 34 -4.23 -16.41 -17.82
C TRP A 34 -4.92 -15.24 -18.50
N GLY A 35 -4.35 -14.69 -19.56
CA GLY A 35 -4.88 -13.47 -20.15
C GLY A 35 -4.73 -12.24 -19.29
N PHE A 36 -4.23 -12.37 -18.06
CA PHE A 36 -3.96 -11.29 -17.14
C PHE A 36 -2.58 -11.51 -16.52
N PHE A 37 -1.91 -10.44 -16.14
CA PHE A 37 -0.78 -10.59 -15.23
C PHE A 37 -0.47 -9.25 -14.59
N GLU A 38 0.12 -9.30 -13.39
CA GLU A 38 0.59 -8.11 -12.71
C GLU A 38 2.06 -7.85 -13.07
N ILE A 39 2.42 -6.57 -13.15
CA ILE A 39 3.81 -6.16 -13.33
C ILE A 39 4.21 -5.28 -12.16
N VAL A 40 5.45 -5.46 -11.69
CA VAL A 40 6.10 -4.62 -10.70
C VAL A 40 7.40 -4.09 -11.29
N ASN A 41 7.94 -3.04 -10.69
CA ASN A 41 9.12 -2.35 -11.20
C ASN A 41 8.94 -1.99 -12.67
N HIS A 42 7.81 -1.34 -12.98
CA HIS A 42 7.34 -1.07 -14.34
C HIS A 42 7.80 0.29 -14.87
N GLY A 43 8.45 1.10 -14.05
CA GLY A 43 8.94 2.39 -14.48
C GLY A 43 8.08 3.57 -14.07
N LEU A 44 6.84 3.35 -13.71
CA LEU A 44 5.99 4.46 -13.34
C LEU A 44 6.35 4.93 -11.93
N PRO A 45 6.62 6.22 -11.72
CA PRO A 45 7.04 6.69 -10.39
C PRO A 45 6.01 6.38 -9.31
N HIS A 46 6.51 5.84 -8.18
CA HIS A 46 5.64 5.53 -7.05
C HIS A 46 4.90 6.76 -6.56
N ASP A 47 5.60 7.90 -6.50
CA ASP A 47 4.97 9.15 -6.09
C ASP A 47 3.82 9.53 -7.00
N LEU A 48 3.97 9.36 -8.32
CA LEU A 48 2.88 9.68 -9.22
C LEU A 48 1.68 8.76 -9.00
N MET A 49 1.91 7.45 -8.87
CA MET A 49 0.80 6.55 -8.54
C MET A 49 0.11 6.98 -7.25
N ASP A 50 0.89 7.34 -6.24
CA ASP A 50 0.30 7.76 -4.98
C ASP A 50 -0.58 8.99 -5.16
N LYS A 51 -0.16 9.93 -6.02
CA LYS A 51 -0.94 11.15 -6.24
C LYS A 51 -2.20 10.88 -7.05
N ILE A 52 -2.08 10.04 -8.09
CA ILE A 52 -3.27 9.66 -8.85
C ILE A 52 -4.26 8.94 -7.95
N GLU A 53 -3.77 8.05 -7.09
CA GLU A 53 -4.65 7.33 -6.17
C GLU A 53 -5.41 8.29 -5.26
N LYS A 54 -4.68 9.20 -4.60
CA LYS A 54 -5.32 10.11 -3.66
C LYS A 54 -6.32 11.02 -4.35
N MET A 55 -5.94 11.58 -5.50
CA MET A 55 -6.81 12.56 -6.16
C MET A 55 -8.05 11.90 -6.75
N THR A 56 -7.94 10.65 -7.19
CA THR A 56 -9.11 9.93 -7.68
C THR A 56 -10.09 9.64 -6.55
N LYS A 57 -9.57 9.16 -5.40
CA LYS A 57 -10.45 8.87 -4.27
C LYS A 57 -11.10 10.14 -3.73
N ASP A 58 -10.34 11.23 -3.63
CA ASP A 58 -10.90 12.51 -3.18
C ASP A 58 -11.97 13.02 -4.13
N HIS A 59 -11.73 12.91 -5.44
CA HIS A 59 -12.73 13.36 -6.40
C HIS A 59 -14.00 12.53 -6.32
N TYR A 60 -13.89 11.24 -6.01
CA TYR A 60 -15.11 10.46 -5.80
C TYR A 60 -15.92 11.02 -4.65
N LYS A 61 -15.27 11.32 -3.52
CA LYS A 61 -16.02 11.78 -2.36
C LYS A 61 -16.65 13.13 -2.63
N THR A 62 -15.93 14.03 -3.31
CA THR A 62 -16.40 15.40 -3.44
C THR A 62 -17.40 15.56 -4.59
N CYS A 63 -17.30 14.72 -5.62
CA CYS A 63 -18.13 14.88 -6.81
C CYS A 63 -18.93 13.62 -7.13
N GLN A 64 -18.28 12.48 -7.31
CA GLN A 64 -18.98 11.32 -7.88
C GLN A 64 -20.04 10.77 -6.95
N GLU A 65 -19.78 10.78 -5.63
CA GLU A 65 -20.64 10.06 -4.70
C GLU A 65 -22.08 10.59 -4.74
N GLN A 66 -22.24 11.93 -4.76
CA GLN A 66 -23.57 12.51 -4.87
C GLN A 66 -24.26 12.08 -6.16
N LYS A 67 -23.51 12.02 -7.27
CA LYS A 67 -24.09 11.61 -8.53
C LYS A 67 -24.48 10.14 -8.53
N PHE A 68 -23.73 9.32 -7.78
CA PHE A 68 -24.03 7.89 -7.73
C PHE A 68 -25.34 7.64 -7.00
N ASN A 69 -25.51 8.26 -5.83
CA ASN A 69 -26.74 8.09 -5.06
C ASN A 69 -27.93 8.65 -5.80
N ASP A 70 -27.74 9.81 -6.45
CA ASP A 70 -28.78 10.33 -7.35
C ASP A 70 -29.13 9.31 -8.42
N MET A 71 -28.14 8.61 -8.96
CA MET A 71 -28.43 7.57 -9.95
C MET A 71 -29.22 6.44 -9.33
N LEU A 72 -28.93 6.09 -8.08
CA LEU A 72 -29.56 4.93 -7.46
C LEU A 72 -31.08 5.12 -7.32
N LYS A 73 -31.49 6.19 -6.63
CA LYS A 73 -32.90 6.51 -6.43
C LYS A 73 -33.65 6.63 -7.75
N SER A 74 -33.00 7.22 -8.77
CA SER A 74 -33.64 7.46 -10.05
C SER A 74 -33.91 6.18 -10.82
N LYS A 75 -33.29 5.06 -10.42
CA LYS A 75 -33.56 3.77 -11.04
C LYS A 75 -34.16 2.77 -10.06
N GLY A 76 -34.61 3.22 -8.89
CA GLY A 76 -35.12 2.32 -7.87
C GLY A 76 -34.08 1.44 -7.21
N LEU A 77 -32.80 1.60 -7.56
CA LEU A 77 -31.72 0.77 -7.04
C LEU A 77 -31.31 1.15 -5.62
N ASP A 78 -31.94 2.15 -5.03
CA ASP A 78 -31.80 2.47 -3.62
C ASP A 78 -32.39 1.41 -2.71
N ASN A 79 -33.04 0.40 -3.29
CA ASN A 79 -33.65 -0.64 -2.48
C ASN A 79 -33.61 -1.90 -3.33
N LEU A 80 -32.52 -2.64 -3.19
CA LEU A 80 -32.35 -3.91 -3.89
C LEU A 80 -33.20 -4.95 -3.22
N GLU A 81 -34.08 -5.59 -3.99
CA GLU A 81 -34.90 -6.68 -3.49
C GLU A 81 -34.67 -7.98 -4.25
N THR A 82 -34.46 -7.90 -5.55
CA THR A 82 -34.27 -9.07 -6.40
C THR A 82 -32.93 -8.92 -7.13
N GLU A 83 -32.52 -10.01 -7.77
CA GLU A 83 -31.31 -9.98 -8.58
C GLU A 83 -31.43 -8.93 -9.67
N VAL A 84 -30.34 -8.19 -9.88
CA VAL A 84 -30.23 -7.20 -10.95
C VAL A 84 -29.12 -7.66 -11.87
N GLU A 85 -29.49 -8.12 -13.07
CA GLU A 85 -28.54 -8.62 -14.06
C GLU A 85 -28.39 -7.70 -15.26
N ASP A 86 -28.96 -6.50 -15.22
CA ASP A 86 -28.87 -5.56 -16.33
C ASP A 86 -28.25 -4.23 -15.95
N VAL A 87 -27.70 -4.10 -14.74
CA VAL A 87 -27.11 -2.86 -14.25
C VAL A 87 -25.83 -3.18 -13.49
N ASP A 88 -24.85 -2.29 -13.59
CA ASP A 88 -23.57 -2.42 -12.90
C ASP A 88 -23.52 -1.45 -11.73
N TRP A 89 -23.16 -1.97 -10.55
CA TRP A 89 -23.01 -1.15 -9.34
C TRP A 89 -21.66 -0.43 -9.41
N GLU A 90 -21.63 0.66 -10.18
CA GLU A 90 -20.39 1.26 -10.64
C GLU A 90 -20.59 2.77 -10.85
N SER A 91 -19.58 3.54 -10.46
CA SER A 91 -19.52 4.98 -10.71
C SER A 91 -18.29 5.25 -11.57
N THR A 92 -18.49 5.89 -12.74
CA THR A 92 -17.46 5.97 -13.78
C THR A 92 -17.53 7.29 -14.53
N PHE A 93 -16.34 7.82 -14.86
CA PHE A 93 -16.22 8.77 -15.95
C PHE A 93 -14.98 8.41 -16.78
N TYR A 94 -14.93 8.96 -17.99
CA TYR A 94 -13.93 8.62 -18.99
C TYR A 94 -13.02 9.80 -19.31
N VAL A 95 -11.74 9.50 -19.51
CA VAL A 95 -10.73 10.47 -19.91
C VAL A 95 -10.17 10.02 -21.25
N ARG A 96 -10.32 10.86 -22.26
CA ARG A 96 -9.77 10.57 -23.57
C ARG A 96 -8.37 11.18 -23.64
N HIS A 97 -7.40 10.40 -24.11
CA HIS A 97 -6.07 10.90 -24.37
C HIS A 97 -5.80 11.06 -25.86
N LEU A 98 -6.05 10.01 -26.65
CA LEU A 98 -5.83 10.01 -28.09
C LEU A 98 -7.02 9.37 -28.80
N PRO A 99 -7.33 9.78 -30.05
CA PRO A 99 -6.69 10.80 -30.90
C PRO A 99 -6.62 12.19 -30.30
N GLN A 100 -7.58 12.58 -29.48
CA GLN A 100 -7.67 13.95 -28.95
C GLN A 100 -8.16 13.91 -27.51
N SER A 101 -7.50 14.71 -26.65
CA SER A 101 -7.77 14.72 -25.23
C SER A 101 -9.04 15.48 -24.90
N ASN A 102 -9.84 14.93 -23.99
CA ASN A 102 -11.00 15.62 -23.44
C ASN A 102 -10.74 16.17 -22.04
N LEU A 103 -9.51 16.01 -21.54
CA LEU A 103 -9.20 16.32 -20.15
C LEU A 103 -9.56 17.77 -19.81
N ASN A 104 -9.46 18.68 -20.78
CA ASN A 104 -9.77 20.07 -20.53
C ASN A 104 -11.26 20.37 -20.45
N ASP A 105 -12.12 19.40 -20.75
CA ASP A 105 -13.56 19.63 -20.73
C ASP A 105 -14.24 19.07 -19.49
N ILE A 106 -13.53 18.31 -18.66
CA ILE A 106 -14.11 17.79 -17.42
C ILE A 106 -14.12 18.94 -16.42
N SER A 107 -15.32 19.47 -16.13
CA SER A 107 -15.45 20.72 -15.40
C SER A 107 -15.10 20.60 -13.92
N ASP A 108 -15.18 19.42 -13.32
CA ASP A 108 -15.11 19.30 -11.86
C ASP A 108 -13.82 18.64 -11.36
N VAL A 109 -12.75 18.69 -12.15
CA VAL A 109 -11.44 18.21 -11.73
C VAL A 109 -10.52 19.40 -11.54
N SER A 110 -9.44 19.20 -10.79
CA SER A 110 -8.52 20.28 -10.49
C SER A 110 -7.39 20.35 -11.51
N ASP A 111 -6.72 21.52 -11.54
CA ASP A 111 -5.55 21.70 -12.39
C ASP A 111 -4.51 20.63 -12.12
N GLU A 112 -4.24 20.36 -10.85
CA GLU A 112 -3.23 19.39 -10.48
C GLU A 112 -3.63 17.98 -10.88
N TYR A 113 -4.92 17.65 -10.75
CA TYR A 113 -5.41 16.36 -11.23
C TYR A 113 -5.19 16.23 -12.74
N ARG A 114 -5.60 17.27 -13.48
CA ARG A 114 -5.49 17.23 -14.93
C ARG A 114 -4.04 17.05 -15.38
N THR A 115 -3.14 17.84 -14.80
CA THR A 115 -1.73 17.74 -15.14
C THR A 115 -1.17 16.38 -14.76
N ALA A 116 -1.52 15.88 -13.57
CA ALA A 116 -1.05 14.56 -13.14
C ALA A 116 -1.59 13.46 -14.04
N MET A 117 -2.86 13.56 -14.45
CA MET A 117 -3.45 12.54 -15.32
C MET A 117 -2.78 12.52 -16.69
N LYS A 118 -2.38 13.69 -17.17
CA LYS A 118 -1.66 13.78 -18.44
C LYS A 118 -0.30 13.10 -18.34
N ASP A 119 0.46 13.43 -17.30
CA ASP A 119 1.73 12.76 -16.99
C ASP A 119 1.54 11.26 -16.91
N PHE A 120 0.55 10.81 -16.13
CA PHE A 120 0.31 9.38 -15.94
C PHE A 120 -0.07 8.72 -17.27
N GLY A 121 -0.97 9.36 -18.02
CA GLY A 121 -1.41 8.79 -19.29
C GLY A 121 -0.28 8.63 -20.29
N LYS A 122 0.61 9.62 -20.37
CA LYS A 122 1.73 9.51 -21.30
C LYS A 122 2.63 8.33 -20.91
N ARG A 123 2.97 8.24 -19.63
CA ARG A 123 3.83 7.15 -19.16
C ARG A 123 3.19 5.79 -19.44
N LEU A 124 1.89 5.67 -19.21
CA LEU A 124 1.18 4.41 -19.49
C LEU A 124 1.17 4.08 -20.98
N GLU A 125 1.02 5.09 -21.83
CA GLU A 125 1.05 4.83 -23.27
C GLU A 125 2.42 4.33 -23.68
N ASN A 126 3.48 4.86 -23.07
CA ASN A 126 4.83 4.40 -23.37
C ASN A 126 5.03 2.96 -22.88
N LEU A 127 4.51 2.64 -21.69
CA LEU A 127 4.58 1.27 -21.16
C LEU A 127 3.77 0.30 -22.03
N ALA A 128 2.55 0.70 -22.41
CA ALA A 128 1.74 -0.13 -23.32
C ALA A 128 2.51 -0.50 -24.58
N GLU A 129 3.24 0.47 -25.15
CA GLU A 129 3.95 0.17 -26.39
C GLU A 129 5.16 -0.72 -26.14
N ASP A 130 5.87 -0.53 -25.01
CA ASP A 130 6.93 -1.47 -24.64
C ASP A 130 6.39 -2.88 -24.43
N LEU A 131 5.25 -3.00 -23.73
CA LEU A 131 4.71 -4.33 -23.48
C LEU A 131 4.31 -5.02 -24.78
N LEU A 132 3.77 -4.27 -25.74
CA LEU A 132 3.38 -4.86 -27.01
C LEU A 132 4.58 -5.40 -27.79
N ASP A 133 5.71 -4.69 -27.74
CA ASP A 133 6.93 -5.21 -28.36
C ASP A 133 7.43 -6.49 -27.67
N LEU A 134 7.31 -6.58 -26.34
CA LEU A 134 7.59 -7.86 -25.69
C LEU A 134 6.67 -8.95 -26.24
N LEU A 135 5.38 -8.66 -26.37
CA LEU A 135 4.47 -9.60 -26.97
C LEU A 135 4.93 -9.98 -28.37
N CYS A 136 5.34 -8.98 -29.17
CA CYS A 136 5.86 -9.24 -30.51
C CYS A 136 6.99 -10.23 -30.47
N GLU A 137 7.97 -10.00 -29.58
CA GLU A 137 9.11 -10.89 -29.45
C GLU A 137 8.68 -12.29 -29.06
N ASN A 138 7.74 -12.42 -28.11
CA ASN A 138 7.28 -13.75 -27.73
C ASN A 138 6.54 -14.44 -28.86
N LEU A 139 5.88 -13.69 -29.74
CA LEU A 139 5.10 -14.30 -30.80
C LEU A 139 5.93 -14.58 -32.04
N GLY A 140 7.16 -14.10 -32.10
CA GLY A 140 7.93 -14.21 -33.32
C GLY A 140 7.60 -13.17 -34.36
N LEU A 141 6.95 -12.09 -33.96
CA LEU A 141 6.64 -10.97 -34.86
C LEU A 141 7.75 -9.93 -34.81
N GLU A 142 7.87 -9.15 -35.89
CA GLU A 142 8.84 -8.07 -35.96
C GLU A 142 8.52 -6.98 -34.94
N LYS A 143 9.57 -6.37 -34.38
CA LYS A 143 9.39 -5.28 -33.44
C LYS A 143 8.47 -4.20 -34.02
N GLY A 144 7.54 -3.72 -33.20
CA GLY A 144 6.59 -2.72 -33.64
C GLY A 144 5.45 -3.23 -34.49
N TYR A 145 5.37 -4.54 -34.78
CA TYR A 145 4.27 -5.07 -35.58
C TYR A 145 2.93 -4.66 -35.02
N LEU A 146 2.71 -4.88 -33.71
CA LEU A 146 1.40 -4.62 -33.14
C LEU A 146 1.12 -3.12 -33.10
N LYS A 147 2.14 -2.32 -32.78
CA LYS A 147 1.96 -0.87 -32.79
C LYS A 147 1.58 -0.40 -34.18
N LYS A 148 2.12 -1.02 -35.22
CA LYS A 148 1.80 -0.61 -36.58
C LYS A 148 0.38 -0.97 -36.97
N VAL A 149 -0.07 -2.17 -36.60
CA VAL A 149 -1.45 -2.58 -36.90
C VAL A 149 -2.45 -1.65 -36.22
N PHE A 150 -2.15 -1.24 -34.98
CA PHE A 150 -3.06 -0.39 -34.22
C PHE A 150 -3.12 1.04 -34.73
N HIS A 151 -2.12 1.50 -35.48
CA HIS A 151 -2.02 2.92 -35.78
C HIS A 151 -3.22 3.41 -36.61
N GLY A 152 -3.65 2.65 -37.61
CA GLY A 152 -4.69 3.18 -38.49
C GLY A 152 -4.16 4.38 -39.26
N THR A 153 -5.01 5.39 -39.45
CA THR A 153 -4.54 6.64 -40.05
C THR A 153 -4.27 7.75 -39.03
N LYS A 154 -4.93 7.75 -37.87
CA LYS A 154 -4.79 8.82 -36.89
C LYS A 154 -4.04 8.40 -35.63
N GLY A 155 -3.53 7.17 -35.57
CA GLY A 155 -2.87 6.69 -34.38
C GLY A 155 -3.82 5.87 -33.52
N PRO A 156 -3.32 5.34 -32.41
CA PRO A 156 -4.16 4.50 -31.56
C PRO A 156 -5.18 5.34 -30.80
N THR A 157 -6.20 4.65 -30.30
CA THR A 157 -7.15 5.23 -29.36
C THR A 157 -6.69 4.84 -27.95
N PHE A 158 -6.56 5.83 -27.09
CA PHE A 158 -6.03 5.62 -25.75
C PHE A 158 -6.88 6.44 -24.80
N GLY A 159 -7.55 5.75 -23.87
CA GLY A 159 -8.41 6.40 -22.92
C GLY A 159 -8.29 5.74 -21.56
N THR A 160 -8.78 6.43 -20.54
CA THR A 160 -8.76 5.91 -19.18
C THR A 160 -10.16 5.95 -18.60
N LYS A 161 -10.61 4.79 -18.16
CA LYS A 161 -11.86 4.65 -17.42
C LYS A 161 -11.54 4.78 -15.94
N VAL A 162 -12.13 5.79 -15.29
CA VAL A 162 -11.88 6.09 -13.88
C VAL A 162 -13.14 5.70 -13.10
N SER A 163 -13.04 4.63 -12.31
CA SER A 163 -14.21 4.04 -11.67
C SER A 163 -14.02 3.88 -10.17
N ASN A 164 -15.13 3.92 -9.46
CA ASN A 164 -15.19 3.45 -8.09
C ASN A 164 -16.36 2.49 -7.97
N TYR A 165 -16.16 1.47 -7.15
CA TYR A 165 -17.19 0.49 -6.85
C TYR A 165 -17.55 0.67 -5.38
N PRO A 166 -18.60 1.44 -5.08
CA PRO A 166 -18.85 1.85 -3.71
C PRO A 166 -19.47 0.70 -2.92
N PRO A 167 -19.56 0.82 -1.59
CA PRO A 167 -20.18 -0.24 -0.80
C PRO A 167 -21.60 -0.52 -1.28
N CYS A 168 -21.95 -1.80 -1.29
CA CYS A 168 -23.26 -2.25 -1.68
C CYS A 168 -23.89 -3.01 -0.51
N PRO A 169 -25.10 -2.63 -0.09
CA PRO A 169 -25.71 -3.33 1.05
C PRO A 169 -25.95 -4.81 0.80
N LYS A 170 -26.36 -5.19 -0.41
CA LYS A 170 -26.73 -6.58 -0.73
C LYS A 170 -25.93 -7.07 -1.92
N PRO A 171 -24.64 -7.38 -1.73
CA PRO A 171 -23.78 -7.70 -2.87
C PRO A 171 -24.26 -8.87 -3.71
N GLU A 172 -24.93 -9.85 -3.12
CA GLU A 172 -25.37 -11.00 -3.89
C GLU A 172 -26.45 -10.66 -4.90
N MET A 173 -27.00 -9.44 -4.85
CA MET A 173 -28.04 -9.01 -5.78
C MET A 173 -27.52 -8.33 -7.04
N ILE A 174 -26.33 -7.74 -6.99
CA ILE A 174 -25.81 -6.98 -8.13
C ILE A 174 -24.30 -7.13 -8.17
N LYS A 175 -23.74 -7.12 -9.38
CA LYS A 175 -22.31 -7.05 -9.59
C LYS A 175 -21.84 -5.59 -9.64
N GLY A 176 -20.58 -5.38 -9.27
CA GLY A 176 -19.94 -4.12 -9.60
C GLY A 176 -19.81 -3.92 -11.10
N LEU A 177 -19.42 -4.99 -11.82
CA LEU A 177 -19.32 -4.99 -13.27
C LEU A 177 -19.52 -6.42 -13.75
N ARG A 178 -20.53 -6.63 -14.58
CA ARG A 178 -20.86 -7.97 -15.00
C ARG A 178 -19.76 -8.56 -15.88
N ALA A 179 -19.75 -9.89 -15.96
CA ALA A 179 -18.74 -10.62 -16.70
C ALA A 179 -18.71 -10.20 -18.17
N HIS A 180 -17.50 -10.05 -18.70
CA HIS A 180 -17.31 -9.61 -20.09
C HIS A 180 -15.85 -9.85 -20.44
N THR A 181 -15.54 -9.83 -21.74
CA THR A 181 -14.18 -9.64 -22.20
C THR A 181 -14.05 -8.23 -22.75
N ASP A 182 -12.82 -7.72 -22.72
CA ASP A 182 -12.56 -6.37 -23.19
C ASP A 182 -12.44 -6.36 -24.72
N ALA A 183 -13.06 -5.36 -25.36
CA ALA A 183 -13.09 -5.31 -26.82
C ALA A 183 -11.73 -4.96 -27.42
N GLY A 184 -10.91 -4.24 -26.68
CA GLY A 184 -9.78 -3.54 -27.27
C GLY A 184 -8.47 -4.30 -27.37
N GLY A 185 -7.36 -3.62 -27.13
CA GLY A 185 -6.03 -4.12 -27.43
C GLY A 185 -5.37 -4.64 -26.18
N ILE A 186 -4.66 -3.75 -25.48
CA ILE A 186 -4.01 -4.09 -24.22
C ILE A 186 -4.52 -3.11 -23.17
N ILE A 187 -4.84 -3.64 -21.99
CA ILE A 187 -5.44 -2.88 -20.89
C ILE A 187 -4.43 -2.80 -19.74
N LEU A 188 -4.24 -1.59 -19.21
CA LEU A 188 -3.28 -1.31 -18.14
C LEU A 188 -4.05 -0.71 -16.98
N LEU A 189 -4.24 -1.49 -15.92
CA LEU A 189 -5.13 -1.16 -14.81
C LEU A 189 -4.32 -0.80 -13.57
N PHE A 190 -4.55 0.40 -13.05
CA PHE A 190 -4.07 0.79 -11.72
C PHE A 190 -5.28 0.60 -10.81
N GLN A 191 -5.32 -0.53 -10.09
CA GLN A 191 -6.43 -0.85 -9.22
C GLN A 191 -6.08 -0.58 -7.76
N ASP A 192 -7.14 -0.44 -6.96
CA ASP A 192 -6.99 -0.28 -5.52
C ASP A 192 -6.08 -1.34 -4.93
N ASP A 193 -5.16 -0.93 -4.03
CA ASP A 193 -4.19 -1.87 -3.50
C ASP A 193 -4.61 -2.52 -2.19
N LYS A 194 -5.82 -2.26 -1.71
CA LYS A 194 -6.34 -2.91 -0.50
C LYS A 194 -7.69 -3.58 -0.70
N VAL A 195 -8.61 -2.96 -1.43
CA VAL A 195 -9.97 -3.47 -1.59
C VAL A 195 -10.01 -4.39 -2.80
N SER A 196 -10.31 -5.67 -2.58
CA SER A 196 -10.45 -6.59 -3.70
C SER A 196 -11.78 -6.38 -4.40
N GLY A 197 -11.97 -7.11 -5.51
CA GLY A 197 -13.21 -7.06 -6.24
C GLY A 197 -13.10 -7.57 -7.67
N LEU A 198 -11.95 -7.37 -8.30
CA LEU A 198 -11.73 -7.83 -9.66
C LEU A 198 -11.37 -9.32 -9.67
N GLN A 199 -12.04 -10.08 -10.53
CA GLN A 199 -11.83 -11.52 -10.66
C GLN A 199 -11.75 -11.87 -12.14
N LEU A 200 -10.96 -12.90 -12.47
CA LEU A 200 -10.97 -13.46 -13.83
C LEU A 200 -11.38 -14.92 -13.74
N LEU A 201 -11.90 -15.44 -14.85
CA LEU A 201 -12.30 -16.83 -14.92
C LEU A 201 -11.16 -17.66 -15.50
N LYS A 202 -10.67 -18.62 -14.74
CA LYS A 202 -9.61 -19.51 -15.21
C LYS A 202 -9.92 -20.94 -14.77
N ASP A 203 -10.00 -21.84 -15.75
CA ASP A 203 -10.14 -23.28 -15.52
C ASP A 203 -11.35 -23.62 -14.66
N GLY A 204 -12.44 -22.87 -14.83
CA GLY A 204 -13.69 -23.17 -14.16
C GLY A 204 -13.89 -22.50 -12.82
N ASP A 205 -12.97 -21.64 -12.40
CA ASP A 205 -13.05 -20.94 -11.12
C ASP A 205 -12.87 -19.44 -11.35
N TRP A 206 -13.61 -18.65 -10.59
CA TRP A 206 -13.30 -17.23 -10.47
C TRP A 206 -12.09 -17.07 -9.56
N ILE A 207 -11.08 -16.32 -10.04
CA ILE A 207 -9.84 -16.10 -9.30
C ILE A 207 -9.63 -14.59 -9.12
N ASP A 208 -9.34 -14.17 -7.89
CA ASP A 208 -9.18 -12.74 -7.65
C ASP A 208 -7.85 -12.22 -8.19
N VAL A 209 -7.86 -10.99 -8.68
CA VAL A 209 -6.66 -10.29 -9.13
C VAL A 209 -6.17 -9.53 -7.90
N PRO A 210 -5.14 -10.01 -7.22
CA PRO A 210 -4.85 -9.52 -5.85
C PRO A 210 -4.51 -8.04 -5.86
N PRO A 211 -5.09 -7.25 -4.94
CA PRO A 211 -4.59 -5.89 -4.73
C PRO A 211 -3.13 -5.92 -4.34
N LEU A 212 -2.31 -5.15 -5.04
CA LEU A 212 -0.87 -5.12 -4.79
C LEU A 212 -0.36 -3.69 -4.94
N ASN A 213 0.19 -3.12 -3.85
CA ASN A 213 0.67 -1.73 -3.87
C ASN A 213 1.61 -1.50 -5.05
N HIS A 214 1.38 -0.38 -5.75
CA HIS A 214 2.27 0.14 -6.79
C HIS A 214 2.45 -0.83 -7.95
N SER A 215 1.47 -1.68 -8.19
CA SER A 215 1.51 -2.62 -9.29
C SER A 215 0.56 -2.16 -10.39
N ILE A 216 0.77 -2.70 -11.60
CA ILE A 216 -0.15 -2.52 -12.71
C ILE A 216 -0.67 -3.89 -13.11
N VAL A 217 -1.96 -3.99 -13.40
CA VAL A 217 -2.57 -5.22 -13.92
C VAL A 217 -2.69 -5.08 -15.43
N ILE A 218 -2.16 -6.05 -16.17
CA ILE A 218 -2.23 -6.07 -17.63
C ILE A 218 -3.21 -7.16 -18.06
N ASN A 219 -4.05 -6.86 -19.06
CA ASN A 219 -4.79 -7.94 -19.72
C ASN A 219 -5.01 -7.59 -21.18
N LEU A 220 -5.32 -8.63 -21.95
CA LEU A 220 -5.37 -8.57 -23.40
C LEU A 220 -6.84 -8.58 -23.85
N GLY A 221 -7.16 -7.76 -24.84
CA GLY A 221 -8.52 -7.63 -25.33
C GLY A 221 -8.76 -8.48 -26.57
N ASP A 222 -10.03 -8.49 -27.00
CA ASP A 222 -10.45 -9.26 -28.19
C ASP A 222 -9.55 -9.01 -29.40
N GLN A 223 -9.00 -7.80 -29.56
CA GLN A 223 -8.24 -7.49 -30.77
C GLN A 223 -6.94 -8.30 -30.84
N LEU A 224 -6.25 -8.45 -29.70
CA LEU A 224 -5.06 -9.30 -29.65
C LEU A 224 -5.39 -10.79 -29.85
N GLU A 225 -6.57 -11.25 -29.41
CA GLU A 225 -6.95 -12.64 -29.74
C GLU A 225 -7.04 -12.81 -31.25
N VAL A 226 -7.60 -11.82 -31.95
CA VAL A 226 -7.72 -11.91 -33.40
C VAL A 226 -6.33 -11.90 -34.03
N ILE A 227 -5.49 -10.93 -33.64
CA ILE A 227 -4.20 -10.77 -34.30
C ILE A 227 -3.31 -11.97 -34.02
N THR A 228 -3.35 -12.51 -32.79
CA THR A 228 -2.54 -13.69 -32.50
C THR A 228 -3.20 -14.99 -32.92
N ASN A 229 -4.31 -14.95 -33.67
CA ASN A 229 -4.96 -16.17 -34.16
C ASN A 229 -5.32 -17.09 -33.00
N GLY A 230 -5.78 -16.50 -31.92
CA GLY A 230 -6.20 -17.27 -30.76
C GLY A 230 -5.08 -17.76 -29.86
N LYS A 231 -3.82 -17.46 -30.17
CA LYS A 231 -2.74 -17.93 -29.30
C LYS A 231 -2.86 -17.29 -27.92
N TYR A 232 -3.25 -16.02 -27.87
CA TYR A 232 -3.51 -15.28 -26.64
C TYR A 232 -4.99 -14.92 -26.63
N LYS A 233 -5.75 -15.47 -25.70
CA LYS A 233 -7.18 -15.25 -25.70
C LYS A 233 -7.55 -14.14 -24.73
N SER A 234 -8.62 -13.41 -25.09
CA SER A 234 -9.24 -12.43 -24.23
C SER A 234 -10.09 -13.17 -23.21
N VAL A 235 -9.81 -13.02 -21.90
CA VAL A 235 -10.46 -13.87 -20.90
C VAL A 235 -11.52 -13.06 -20.14
N LEU A 236 -12.56 -13.78 -19.67
CA LEU A 236 -13.69 -13.17 -18.96
C LEU A 236 -13.28 -12.65 -17.59
N HIS A 237 -13.85 -11.51 -17.21
CA HIS A 237 -13.55 -10.93 -15.91
C HIS A 237 -14.76 -10.11 -15.46
N ARG A 238 -14.85 -9.93 -14.14
CA ARG A 238 -15.97 -9.24 -13.51
C ARG A 238 -15.44 -8.48 -12.29
N VAL A 239 -16.28 -7.63 -11.70
CA VAL A 239 -16.01 -6.97 -10.43
C VAL A 239 -17.19 -7.24 -9.48
N VAL A 240 -16.92 -7.87 -8.33
CA VAL A 240 -17.96 -8.08 -7.33
C VAL A 240 -17.96 -6.90 -6.35
N THR A 241 -19.11 -6.63 -5.75
CA THR A 241 -19.22 -5.62 -4.70
C THR A 241 -19.02 -6.25 -3.32
N GLN A 242 -18.95 -5.38 -2.30
CA GLN A 242 -18.98 -5.77 -0.90
C GLN A 242 -19.84 -4.78 -0.14
N GLN A 243 -20.17 -5.13 1.11
CA GLN A 243 -20.96 -4.21 1.92
C GLN A 243 -20.11 -3.10 2.53
N GLU A 244 -18.81 -3.33 2.68
CA GLU A 244 -17.88 -2.31 3.17
C GLU A 244 -16.72 -2.20 2.20
N GLY A 245 -16.37 -0.96 1.83
CA GLY A 245 -15.24 -0.74 0.95
C GLY A 245 -15.57 -0.07 -0.37
N ASN A 246 -14.63 0.73 -0.85
CA ASN A 246 -14.71 1.46 -2.12
C ASN A 246 -13.52 1.04 -2.97
N ARG A 247 -13.71 0.12 -3.90
CA ARG A 247 -12.58 -0.27 -4.73
C ARG A 247 -12.35 0.75 -5.84
N MET A 248 -11.16 1.35 -5.85
CA MET A 248 -10.76 2.25 -6.92
C MET A 248 -10.29 1.47 -8.14
N SER A 249 -10.55 2.03 -9.33
CA SER A 249 -10.12 1.42 -10.58
C SER A 249 -9.83 2.49 -11.63
N VAL A 250 -8.57 2.58 -12.05
CA VAL A 250 -8.11 3.52 -13.07
C VAL A 250 -7.53 2.66 -14.18
N ALA A 251 -8.35 2.33 -15.18
CA ALA A 251 -8.04 1.35 -16.21
C ALA A 251 -7.85 2.06 -17.55
N SER A 252 -6.65 1.94 -18.13
CA SER A 252 -6.35 2.59 -19.40
C SER A 252 -6.33 1.56 -20.53
N PHE A 253 -6.88 1.94 -21.67
CA PHE A 253 -7.14 1.03 -22.78
C PHE A 253 -6.32 1.52 -23.98
N TYR A 254 -5.36 0.72 -24.43
CA TYR A 254 -4.61 1.02 -25.65
C TYR A 254 -5.26 0.23 -26.78
N ASN A 255 -6.02 0.91 -27.63
CA ASN A 255 -6.84 0.27 -28.65
C ASN A 255 -6.39 0.69 -30.04
N PRO A 256 -6.71 -0.08 -31.09
CA PRO A 256 -6.45 0.39 -32.45
C PRO A 256 -7.19 1.68 -32.74
N GLY A 257 -6.67 2.44 -33.70
CA GLY A 257 -7.44 3.52 -34.26
C GLY A 257 -8.69 3.02 -34.95
N SER A 258 -9.65 3.93 -35.14
CA SER A 258 -11.00 3.54 -35.56
C SER A 258 -11.00 2.85 -36.93
N ASP A 259 -10.16 3.30 -37.86
CA ASP A 259 -10.14 2.74 -39.20
C ASP A 259 -9.06 1.68 -39.39
N ALA A 260 -8.45 1.21 -38.30
CA ALA A 260 -7.43 0.18 -38.41
C ALA A 260 -8.02 -1.14 -38.92
N GLU A 261 -7.35 -1.77 -39.87
CA GLU A 261 -7.73 -3.10 -40.35
C GLU A 261 -7.11 -4.15 -39.43
N ILE A 262 -7.95 -4.96 -38.80
CA ILE A 262 -7.51 -5.98 -37.82
C ILE A 262 -7.64 -7.35 -38.48
N SER A 263 -6.57 -8.12 -38.46
CA SER A 263 -6.64 -9.47 -39.04
C SER A 263 -5.60 -10.35 -38.35
N PRO A 264 -5.74 -11.66 -38.41
CA PRO A 264 -4.71 -12.54 -37.84
C PRO A 264 -3.38 -12.37 -38.57
N ALA A 265 -2.30 -12.18 -37.79
CA ALA A 265 -0.98 -12.09 -38.38
C ALA A 265 -0.66 -13.34 -39.18
N THR A 266 -0.21 -13.16 -40.42
CA THR A 266 -0.13 -14.31 -41.32
C THR A 266 0.89 -15.34 -40.84
N SER A 267 1.93 -14.91 -40.13
CA SER A 267 2.94 -15.86 -39.63
C SER A 267 2.44 -16.69 -38.46
N LEU A 268 1.29 -16.37 -37.88
CA LEU A 268 0.68 -17.19 -36.83
C LEU A 268 -0.42 -18.10 -37.37
N VAL A 269 -0.64 -18.11 -38.67
CA VAL A 269 -1.72 -18.84 -39.30
C VAL A 269 -1.10 -19.96 -40.13
N GLU A 270 -1.44 -21.20 -39.79
CA GLU A 270 -1.06 -22.34 -40.59
C GLU A 270 -2.31 -22.80 -41.30
N LYS A 271 -3.14 -23.64 -40.68
CA LYS A 271 -4.49 -23.89 -41.16
C LYS A 271 -5.23 -22.58 -41.35
N ASP A 272 -6.24 -22.58 -42.22
CA ASP A 272 -7.09 -21.42 -42.39
C ASP A 272 -7.59 -20.93 -41.04
N SER A 273 -7.46 -19.63 -40.80
CA SER A 273 -7.81 -19.08 -39.49
C SER A 273 -9.32 -19.12 -39.26
N GLU A 274 -9.72 -19.39 -38.03
CA GLU A 274 -11.11 -19.26 -37.66
C GLU A 274 -11.50 -17.83 -37.29
N TYR A 275 -10.51 -16.90 -37.26
CA TYR A 275 -10.84 -15.55 -36.83
C TYR A 275 -11.06 -14.65 -38.03
N PRO A 276 -11.90 -13.62 -37.90
CA PRO A 276 -12.23 -12.77 -39.04
C PRO A 276 -11.21 -11.66 -39.27
N SER A 277 -11.34 -10.99 -40.42
CA SER A 277 -10.63 -9.76 -40.74
C SER A 277 -11.67 -8.64 -40.85
N PHE A 278 -11.40 -7.51 -40.21
CA PHE A 278 -12.41 -6.46 -40.11
C PHE A 278 -11.75 -5.12 -39.78
N VAL A 279 -12.57 -4.07 -39.80
CA VAL A 279 -12.14 -2.72 -39.39
C VAL A 279 -12.60 -2.49 -37.96
N PHE A 280 -11.69 -1.94 -37.14
CA PHE A 280 -11.91 -1.93 -35.69
C PHE A 280 -13.23 -1.26 -35.30
N ASP A 281 -13.56 -0.11 -35.89
CA ASP A 281 -14.78 0.60 -35.51
C ASP A 281 -16.02 -0.27 -35.70
N ASP A 282 -16.04 -1.12 -36.73
CA ASP A 282 -17.16 -2.03 -36.93
C ASP A 282 -17.28 -3.01 -35.77
N TYR A 283 -16.14 -3.50 -35.28
CA TYR A 283 -16.18 -4.32 -34.08
C TYR A 283 -16.75 -3.54 -32.91
N MET A 284 -16.28 -2.30 -32.71
CA MET A 284 -16.73 -1.51 -31.55
C MET A 284 -18.22 -1.24 -31.62
N LYS A 285 -18.75 -0.92 -32.80
CA LYS A 285 -20.17 -0.61 -32.90
C LYS A 285 -21.02 -1.84 -32.58
N LEU A 286 -20.56 -3.03 -32.96
CA LEU A 286 -21.26 -4.26 -32.59
C LEU A 286 -21.14 -4.53 -31.10
N TYR A 287 -19.93 -4.38 -30.55
CA TYR A 287 -19.67 -4.72 -29.14
C TYR A 287 -20.52 -3.90 -28.19
N ALA A 288 -20.70 -2.62 -28.49
CA ALA A 288 -21.38 -1.71 -27.57
C ALA A 288 -22.73 -2.27 -27.12
N GLY A 289 -23.44 -2.94 -28.03
CA GLY A 289 -24.76 -3.43 -27.70
C GLY A 289 -24.84 -4.82 -27.13
N VAL A 290 -23.75 -5.59 -27.21
CA VAL A 290 -23.83 -7.00 -26.79
C VAL A 290 -22.69 -7.31 -25.83
N LYS A 291 -22.24 -6.29 -25.09
CA LYS A 291 -21.02 -6.38 -24.29
C LYS A 291 -21.07 -7.53 -23.28
N PHE A 292 -22.24 -7.78 -22.69
CA PHE A 292 -22.36 -8.76 -21.62
C PHE A 292 -22.92 -10.10 -22.10
N GLN A 293 -23.08 -10.24 -23.40
CA GLN A 293 -23.39 -11.50 -24.07
C GLN A 293 -22.09 -12.23 -24.40
N PRO A 294 -22.14 -13.50 -24.84
CA PRO A 294 -20.90 -14.25 -25.08
C PRO A 294 -20.02 -13.61 -26.14
N LYS A 295 -18.72 -13.84 -26.02
CA LYS A 295 -17.76 -13.18 -26.90
C LYS A 295 -17.75 -13.80 -28.29
N GLU A 296 -17.80 -15.13 -28.36
CA GLU A 296 -17.54 -15.81 -29.63
C GLU A 296 -18.50 -15.44 -30.77
N PRO A 297 -19.80 -15.22 -30.54
CA PRO A 297 -20.64 -14.75 -31.66
C PRO A 297 -20.16 -13.45 -32.27
N ARG A 298 -19.43 -12.61 -31.52
CA ARG A 298 -18.94 -11.36 -32.09
C ARG A 298 -17.88 -11.59 -33.17
N PHE A 299 -17.00 -12.57 -32.96
CA PHE A 299 -16.03 -12.90 -34.01
C PHE A 299 -16.75 -13.43 -35.24
N ALA A 300 -17.69 -14.36 -35.05
CA ALA A 300 -18.44 -14.91 -36.17
C ALA A 300 -19.25 -13.84 -36.89
N ALA A 301 -19.70 -12.81 -36.18
CA ALA A 301 -20.46 -11.72 -36.77
C ALA A 301 -19.61 -10.81 -37.65
N MET A 302 -18.29 -10.81 -37.50
CA MET A 302 -17.43 -10.02 -38.39
C MET A 302 -17.18 -10.71 -39.72
N LYS A 303 -17.65 -11.95 -39.90
CA LYS A 303 -17.45 -12.66 -41.14
C LYS A 303 -18.59 -12.38 -42.12
N LYS B 6 22.33 0.93 3.51
CA LYS B 6 20.96 0.50 3.20
C LYS B 6 20.22 0.14 4.48
N PHE B 7 18.99 0.62 4.61
CA PHE B 7 18.25 0.40 5.83
C PHE B 7 17.96 -1.08 6.01
N PRO B 8 18.23 -1.66 7.18
CA PRO B 8 18.12 -3.12 7.33
C PRO B 8 16.66 -3.57 7.34
N VAL B 9 16.38 -4.61 6.54
CA VAL B 9 15.06 -5.24 6.48
C VAL B 9 15.26 -6.74 6.73
N VAL B 10 14.59 -7.27 7.74
CA VAL B 10 14.77 -8.66 8.18
C VAL B 10 13.53 -9.48 7.80
N ASP B 11 13.74 -10.52 7.00
CA ASP B 11 12.70 -11.49 6.65
C ASP B 11 12.62 -12.54 7.75
N LEU B 12 11.62 -12.41 8.64
CA LEU B 12 11.51 -13.32 9.77
C LEU B 12 11.18 -14.77 9.36
N SER B 13 10.67 -15.02 8.16
CA SER B 13 10.48 -16.43 7.75
C SER B 13 11.80 -17.17 7.54
N LYS B 14 12.93 -16.46 7.49
CA LYS B 14 14.25 -17.07 7.35
C LYS B 14 14.79 -17.68 8.64
N LEU B 15 14.11 -17.47 9.76
CA LEU B 15 14.47 -18.12 11.01
C LEU B 15 14.13 -19.61 11.00
N ASN B 16 13.38 -20.07 10.01
CA ASN B 16 12.90 -21.46 9.95
C ASN B 16 13.81 -22.38 9.15
N GLY B 17 14.78 -21.86 8.42
CA GLY B 17 15.59 -22.72 7.58
C GLY B 17 17.07 -22.69 7.88
N GLU B 18 17.87 -23.07 6.88
CA GLU B 18 19.32 -23.16 7.01
C GLU B 18 19.98 -21.81 7.21
N GLU B 19 19.27 -20.71 7.02
CA GLU B 19 19.86 -19.38 7.15
C GLU B 19 19.42 -18.68 8.43
N ARG B 20 18.97 -19.43 9.43
CA ARG B 20 18.59 -18.82 10.70
C ARG B 20 19.76 -18.07 11.31
N ASP B 21 20.96 -18.66 11.30
CA ASP B 21 22.15 -18.02 11.87
C ASP B 21 22.41 -16.67 11.24
N GLN B 22 22.29 -16.57 9.92
CA GLN B 22 22.59 -15.30 9.27
C GLN B 22 21.49 -14.29 9.53
N THR B 23 20.24 -14.74 9.63
CA THR B 23 19.16 -13.83 9.99
C THR B 23 19.35 -13.26 11.39
N MET B 24 19.70 -14.12 12.35
CA MET B 24 19.95 -13.65 13.70
C MET B 24 21.09 -12.64 13.74
N ALA B 25 22.14 -12.88 12.95
CA ALA B 25 23.26 -11.95 12.90
C ALA B 25 22.85 -10.60 12.29
N LEU B 26 21.96 -10.62 11.29
CA LEU B 26 21.43 -9.36 10.75
C LEU B 26 20.63 -8.59 11.80
N ILE B 27 19.84 -9.30 12.60
CA ILE B 27 19.13 -8.65 13.69
C ILE B 27 20.12 -8.05 14.68
N ASN B 28 21.13 -8.82 15.10
CA ASN B 28 22.09 -8.32 16.08
C ASN B 28 22.85 -7.11 15.56
N GLU B 29 23.26 -7.14 14.29
CA GLU B 29 23.97 -6.00 13.70
C GLU B 29 23.08 -4.77 13.58
N ALA B 30 21.81 -4.97 13.23
CA ALA B 30 20.87 -3.84 13.23
C ALA B 30 20.73 -3.27 14.64
N CYS B 31 20.62 -4.14 15.65
CA CYS B 31 20.48 -3.66 17.02
C CYS B 31 21.70 -2.87 17.47
N GLU B 32 22.89 -3.31 17.04
CA GLU B 32 24.14 -2.64 17.42
C GLU B 32 24.41 -1.39 16.58
N ASN B 33 24.15 -1.44 15.28
CA ASN B 33 24.67 -0.41 14.37
C ASN B 33 23.63 0.63 13.96
N TRP B 34 22.35 0.28 14.02
CA TRP B 34 21.26 1.14 13.55
C TRP B 34 20.28 1.51 14.65
N GLY B 35 20.01 0.60 15.60
CA GLY B 35 18.99 0.84 16.60
C GLY B 35 17.56 0.72 16.09
N PHE B 36 17.39 0.48 14.79
CA PHE B 36 16.12 0.32 14.09
C PHE B 36 16.26 -0.82 13.11
N PHE B 37 15.15 -1.51 12.83
CA PHE B 37 15.10 -2.35 11.63
C PHE B 37 13.64 -2.67 11.30
N GLU B 38 13.38 -2.94 10.02
CA GLU B 38 12.07 -3.42 9.59
C GLU B 38 12.04 -4.94 9.53
N ILE B 39 10.86 -5.50 9.80
CA ILE B 39 10.63 -6.94 9.68
C ILE B 39 9.48 -7.15 8.72
N VAL B 40 9.61 -8.19 7.89
CA VAL B 40 8.54 -8.68 7.03
C VAL B 40 8.32 -10.15 7.37
N ASN B 41 7.16 -10.68 6.97
CA ASN B 41 6.75 -12.05 7.30
C ASN B 41 6.81 -12.27 8.82
N HIS B 42 6.17 -11.36 9.55
CA HIS B 42 6.17 -11.28 11.01
C HIS B 42 5.00 -11.99 11.66
N GLY B 43 4.08 -12.56 10.87
CA GLY B 43 2.93 -13.25 11.44
C GLY B 43 1.71 -12.41 11.69
N LEU B 44 1.79 -11.10 11.57
CA LEU B 44 0.59 -10.28 11.66
C LEU B 44 -0.20 -10.37 10.35
N PRO B 45 -1.46 -10.78 10.37
CA PRO B 45 -2.21 -10.93 9.11
C PRO B 45 -2.32 -9.61 8.36
N HIS B 46 -2.10 -9.67 7.03
CA HIS B 46 -2.09 -8.46 6.22
C HIS B 46 -3.47 -7.85 6.12
N ASP B 47 -4.51 -8.69 6.16
CA ASP B 47 -5.88 -8.18 6.21
C ASP B 47 -6.11 -7.35 7.47
N LEU B 48 -5.55 -7.78 8.60
CA LEU B 48 -5.71 -7.00 9.82
C LEU B 48 -4.94 -5.68 9.74
N MET B 49 -3.74 -5.72 9.15
CA MET B 49 -3.00 -4.47 8.94
C MET B 49 -3.79 -3.49 8.06
N ASP B 50 -4.38 -3.99 6.96
CA ASP B 50 -5.13 -3.09 6.07
C ASP B 50 -6.35 -2.50 6.78
N LYS B 51 -7.00 -3.29 7.64
CA LYS B 51 -8.16 -2.80 8.39
C LYS B 51 -7.75 -1.73 9.39
N ILE B 52 -6.66 -1.97 10.12
CA ILE B 52 -6.16 -0.97 11.06
C ILE B 52 -5.80 0.31 10.31
N GLU B 53 -5.12 0.17 9.15
CA GLU B 53 -4.77 1.35 8.36
C GLU B 53 -6.01 2.15 7.96
N LYS B 54 -6.98 1.49 7.32
CA LYS B 54 -8.15 2.21 6.84
C LYS B 54 -8.90 2.86 7.98
N MET B 55 -9.08 2.11 9.08
CA MET B 55 -9.87 2.63 10.20
C MET B 55 -9.13 3.73 10.96
N THR B 56 -7.79 3.65 11.02
CA THR B 56 -7.05 4.76 11.62
C THR B 56 -7.16 6.01 10.75
N LYS B 57 -7.06 5.85 9.43
CA LYS B 57 -7.18 7.01 8.54
C LYS B 57 -8.60 7.56 8.57
N ASP B 58 -9.60 6.67 8.59
CA ASP B 58 -10.99 7.14 8.70
C ASP B 58 -11.21 7.92 9.99
N HIS B 59 -10.68 7.42 11.11
CA HIS B 59 -10.85 8.12 12.38
C HIS B 59 -10.10 9.45 12.37
N TYR B 60 -9.00 9.55 11.63
CA TYR B 60 -8.39 10.88 11.48
C TYR B 60 -9.38 11.87 10.85
N LYS B 61 -10.04 11.47 9.76
CA LYS B 61 -10.94 12.39 9.05
C LYS B 61 -12.14 12.76 9.92
N THR B 62 -12.76 11.77 10.55
CA THR B 62 -14.01 12.04 11.26
C THR B 62 -13.80 12.57 12.67
N CYS B 63 -12.58 12.55 13.19
CA CYS B 63 -12.39 12.89 14.60
C CYS B 63 -11.13 13.70 14.86
N GLN B 64 -9.96 13.19 14.46
CA GLN B 64 -8.70 13.82 14.88
C GLN B 64 -8.45 15.15 14.14
N GLU B 65 -8.91 15.28 12.90
CA GLU B 65 -8.59 16.48 12.12
C GLU B 65 -9.17 17.74 12.77
N GLN B 66 -10.42 17.66 13.23
CA GLN B 66 -11.01 18.78 13.94
C GLN B 66 -10.22 19.08 15.22
N LYS B 67 -9.77 18.03 15.93
CA LYS B 67 -8.95 18.25 17.12
C LYS B 67 -7.65 18.96 16.78
N PHE B 68 -7.02 18.56 15.67
CA PHE B 68 -5.74 19.17 15.28
C PHE B 68 -5.93 20.63 14.91
N ASN B 69 -6.98 20.95 14.15
CA ASN B 69 -7.27 22.34 13.81
C ASN B 69 -7.52 23.16 15.07
N ASP B 70 -8.28 22.61 16.02
CA ASP B 70 -8.49 23.33 17.27
C ASP B 70 -7.17 23.61 17.96
N MET B 71 -6.27 22.63 17.94
CA MET B 71 -4.94 22.78 18.54
C MET B 71 -4.17 23.91 17.85
N LEU B 72 -4.11 23.90 16.51
CA LEU B 72 -3.41 24.95 15.79
C LEU B 72 -3.90 26.34 16.18
N LYS B 73 -5.23 26.51 16.26
CA LYS B 73 -5.79 27.80 16.65
C LYS B 73 -5.42 28.17 18.08
N SER B 74 -5.51 27.22 19.01
CA SER B 74 -5.20 27.51 20.41
C SER B 74 -3.76 27.99 20.59
N LYS B 75 -2.83 27.46 19.80
CA LYS B 75 -1.42 27.79 19.94
C LYS B 75 -0.90 28.76 18.88
N GLY B 76 -1.77 29.30 18.02
CA GLY B 76 -1.33 30.23 17.01
C GLY B 76 -0.65 29.62 15.80
N LEU B 77 -0.62 28.29 15.70
CA LEU B 77 0.14 27.63 14.65
C LEU B 77 -0.58 27.62 13.30
N ASP B 78 -1.78 28.19 13.22
CA ASP B 78 -2.43 28.42 11.92
C ASP B 78 -1.73 29.49 11.09
N ASN B 79 -0.80 30.24 11.68
CA ASN B 79 0.01 31.22 10.97
C ASN B 79 1.45 31.00 11.40
N LEU B 80 2.13 30.06 10.76
CA LEU B 80 3.55 29.79 11.00
C LEU B 80 4.41 30.76 10.18
N GLU B 81 5.26 31.53 10.85
CA GLU B 81 6.28 32.31 10.15
C GLU B 81 7.67 32.25 10.78
N THR B 82 7.80 32.00 12.08
CA THR B 82 9.09 31.83 12.72
C THR B 82 9.24 30.38 13.19
N GLU B 83 10.49 29.99 13.45
CA GLU B 83 10.77 28.61 13.83
C GLU B 83 10.11 28.27 15.16
N VAL B 84 9.60 27.06 15.28
CA VAL B 84 8.90 26.63 16.50
C VAL B 84 9.60 25.39 17.03
N GLU B 85 10.15 25.50 18.24
CA GLU B 85 10.96 24.45 18.83
C GLU B 85 10.35 23.81 20.08
N ASP B 86 9.16 24.23 20.51
CA ASP B 86 8.55 23.68 21.71
C ASP B 86 7.22 22.98 21.45
N VAL B 87 6.82 22.82 20.19
CA VAL B 87 5.59 22.10 19.83
C VAL B 87 5.89 21.22 18.64
N ASP B 88 5.18 20.08 18.57
CA ASP B 88 5.28 19.15 17.45
C ASP B 88 4.02 19.19 16.59
N TRP B 89 4.20 19.18 15.27
CA TRP B 89 3.10 19.23 14.31
C TRP B 89 2.54 17.83 14.15
N GLU B 90 1.76 17.41 15.16
CA GLU B 90 1.39 16.01 15.35
C GLU B 90 -0.01 15.95 15.95
N SER B 91 -0.80 14.95 15.54
CA SER B 91 -2.11 14.67 16.12
C SER B 91 -2.07 13.24 16.66
N THR B 92 -2.30 13.07 17.96
CA THR B 92 -2.08 11.81 18.67
C THR B 92 -3.22 11.53 19.65
N PHE B 93 -3.56 10.25 19.80
CA PHE B 93 -4.22 9.76 21.01
C PHE B 93 -3.57 8.42 21.37
N TYR B 94 -3.74 8.02 22.65
CA TYR B 94 -3.07 6.86 23.24
C TYR B 94 -4.06 5.75 23.58
N VAL B 95 -3.68 4.53 23.24
CA VAL B 95 -4.40 3.32 23.62
C VAL B 95 -3.58 2.60 24.68
N ARG B 96 -4.16 2.39 25.85
CA ARG B 96 -3.51 1.60 26.88
C ARG B 96 -4.03 0.17 26.79
N HIS B 97 -3.11 -0.79 26.72
CA HIS B 97 -3.47 -2.20 26.75
C HIS B 97 -3.18 -2.83 28.11
N LEU B 98 -1.94 -2.71 28.58
CA LEU B 98 -1.52 -3.31 29.86
C LEU B 98 -0.79 -2.27 30.74
N PRO B 99 -0.93 -2.39 32.07
CA PRO B 99 -1.62 -3.51 32.71
C PRO B 99 -3.15 -3.36 32.78
N GLN B 100 -3.68 -2.15 32.57
CA GLN B 100 -5.11 -1.89 32.52
C GLN B 100 -5.44 -1.21 31.20
N SER B 101 -6.40 -1.77 30.48
CA SER B 101 -6.83 -1.25 29.18
C SER B 101 -7.74 -0.03 29.35
N ASN B 102 -7.66 0.88 28.37
CA ASN B 102 -8.60 2.01 28.31
C ASN B 102 -9.40 1.98 27.01
N LEU B 103 -9.37 0.87 26.29
CA LEU B 103 -9.97 0.82 24.96
C LEU B 103 -11.47 1.05 25.03
N ASN B 104 -12.15 0.42 26.01
CA ASN B 104 -13.58 0.60 26.15
C ASN B 104 -13.96 2.03 26.49
N ASP B 105 -13.05 2.82 27.05
CA ASP B 105 -13.37 4.17 27.48
C ASP B 105 -12.99 5.24 26.48
N ILE B 106 -12.43 4.86 25.33
CA ILE B 106 -12.17 5.82 24.26
C ILE B 106 -13.49 6.03 23.52
N SER B 107 -14.06 7.23 23.66
CA SER B 107 -15.43 7.48 23.23
C SER B 107 -15.57 7.52 21.72
N ASP B 108 -14.58 8.04 21.02
CA ASP B 108 -14.74 8.44 19.62
C ASP B 108 -14.20 7.40 18.64
N VAL B 109 -13.95 6.16 19.08
CA VAL B 109 -13.64 5.07 18.16
C VAL B 109 -14.88 4.23 17.96
N SER B 110 -15.08 3.74 16.74
CA SER B 110 -16.22 2.90 16.43
C SER B 110 -16.03 1.50 17.04
N ASP B 111 -17.12 0.74 17.06
CA ASP B 111 -17.09 -0.62 17.60
C ASP B 111 -16.06 -1.46 16.86
N GLU B 112 -16.08 -1.40 15.53
CA GLU B 112 -15.18 -2.22 14.73
C GLU B 112 -13.73 -1.77 14.85
N TYR B 113 -13.51 -0.47 15.03
CA TYR B 113 -12.14 0.01 15.27
C TYR B 113 -11.62 -0.52 16.60
N ARG B 114 -12.44 -0.37 17.65
CA ARG B 114 -12.05 -0.84 18.98
C ARG B 114 -11.71 -2.32 18.95
N THR B 115 -12.59 -3.13 18.36
CA THR B 115 -12.39 -4.58 18.29
C THR B 115 -11.15 -4.95 17.47
N ALA B 116 -10.92 -4.26 16.36
CA ALA B 116 -9.70 -4.51 15.58
C ALA B 116 -8.46 -4.11 16.36
N MET B 117 -8.51 -3.00 17.09
CA MET B 117 -7.33 -2.58 17.85
C MET B 117 -7.03 -3.55 18.99
N LYS B 118 -8.04 -4.16 19.60
CA LYS B 118 -7.78 -5.19 20.61
C LYS B 118 -7.09 -6.40 19.98
N ASP B 119 -7.59 -6.85 18.83
CA ASP B 119 -6.96 -7.95 18.10
C ASP B 119 -5.52 -7.61 17.73
N PHE B 120 -5.32 -6.46 17.10
CA PHE B 120 -4.00 -6.03 16.69
C PHE B 120 -3.05 -5.91 17.89
N GLY B 121 -3.54 -5.37 19.00
CA GLY B 121 -2.68 -5.17 20.16
C GLY B 121 -2.20 -6.47 20.78
N LYS B 122 -3.08 -7.47 20.89
CA LYS B 122 -2.67 -8.77 21.40
C LYS B 122 -1.64 -9.43 20.49
N ARG B 123 -1.85 -9.37 19.18
CA ARG B 123 -0.87 -9.98 18.28
C ARG B 123 0.49 -9.28 18.39
N LEU B 124 0.46 -7.96 18.58
CA LEU B 124 1.69 -7.20 18.69
C LEU B 124 2.41 -7.49 20.00
N GLU B 125 1.67 -7.75 21.08
CA GLU B 125 2.31 -8.13 22.33
C GLU B 125 3.03 -9.48 22.21
N ASN B 126 2.40 -10.46 21.56
CA ASN B 126 3.07 -11.73 21.32
C ASN B 126 4.31 -11.55 20.44
N LEU B 127 4.18 -10.75 19.38
CA LEU B 127 5.33 -10.44 18.52
C LEU B 127 6.45 -9.78 19.33
N ALA B 128 6.12 -8.83 20.21
CA ALA B 128 7.12 -8.16 21.01
C ALA B 128 7.87 -9.13 21.91
N GLU B 129 7.15 -10.07 22.52
CA GLU B 129 7.81 -11.04 23.40
C GLU B 129 8.65 -12.01 22.60
N ASP B 130 8.16 -12.46 21.44
CA ASP B 130 8.99 -13.27 20.56
C ASP B 130 10.29 -12.55 20.22
N LEU B 131 10.20 -11.27 19.86
CA LEU B 131 11.39 -10.55 19.44
C LEU B 131 12.36 -10.39 20.61
N LEU B 132 11.83 -10.10 21.80
CA LEU B 132 12.67 -10.02 22.99
C LEU B 132 13.45 -11.31 23.22
N ASP B 133 12.84 -12.46 22.93
CA ASP B 133 13.59 -13.71 23.07
C ASP B 133 14.70 -13.83 22.03
N LEU B 134 14.48 -13.27 20.83
CA LEU B 134 15.54 -13.26 19.83
C LEU B 134 16.70 -12.38 20.28
N LEU B 135 16.40 -11.23 20.86
CA LEU B 135 17.46 -10.43 21.46
C LEU B 135 18.20 -11.22 22.53
N CYS B 136 17.47 -11.92 23.40
CA CYS B 136 18.10 -12.73 24.44
C CYS B 136 19.10 -13.71 23.84
N GLU B 137 18.71 -14.43 22.78
CA GLU B 137 19.65 -15.33 22.11
C GLU B 137 20.90 -14.58 21.64
N ASN B 138 20.70 -13.44 20.96
CA ASN B 138 21.84 -12.70 20.41
C ASN B 138 22.72 -12.14 21.52
N LEU B 139 22.14 -11.84 22.68
CA LEU B 139 22.88 -11.30 23.83
C LEU B 139 23.50 -12.38 24.69
N GLY B 140 23.22 -13.66 24.41
CA GLY B 140 23.68 -14.72 25.29
C GLY B 140 22.94 -14.79 26.62
N LEU B 141 21.76 -14.18 26.72
CA LEU B 141 20.97 -14.30 27.93
C LEU B 141 20.01 -15.49 27.82
N GLU B 142 19.65 -16.04 28.96
CA GLU B 142 18.74 -17.17 28.93
C GLU B 142 17.36 -16.70 28.46
N LYS B 143 16.60 -17.66 27.93
CA LYS B 143 15.29 -17.37 27.36
C LYS B 143 14.36 -16.82 28.44
N GLY B 144 13.54 -15.83 28.05
CA GLY B 144 12.66 -15.19 28.99
C GLY B 144 13.29 -14.12 29.86
N TYR B 145 14.60 -13.90 29.75
CA TYR B 145 15.28 -12.96 30.64
C TYR B 145 14.65 -11.56 30.56
N LEU B 146 14.56 -11.00 29.35
CA LEU B 146 14.05 -9.64 29.22
C LEU B 146 12.58 -9.55 29.62
N LYS B 147 11.78 -10.56 29.24
CA LYS B 147 10.40 -10.61 29.69
C LYS B 147 10.32 -10.58 31.21
N LYS B 148 11.16 -11.36 31.88
CA LYS B 148 11.15 -11.42 33.33
C LYS B 148 11.53 -10.07 33.93
N VAL B 149 12.63 -9.47 33.45
CA VAL B 149 13.05 -8.17 33.97
C VAL B 149 11.94 -7.13 33.81
N PHE B 150 11.23 -7.16 32.68
CA PHE B 150 10.17 -6.18 32.41
C PHE B 150 8.92 -6.40 33.25
N HIS B 151 8.78 -7.55 33.91
CA HIS B 151 7.49 -7.87 34.51
C HIS B 151 7.20 -7.00 35.74
N GLY B 152 8.20 -6.72 36.56
CA GLY B 152 7.88 -6.02 37.80
C GLY B 152 6.91 -6.86 38.62
N THR B 153 5.95 -6.20 39.25
CA THR B 153 4.91 -6.92 39.97
C THR B 153 3.60 -7.06 39.21
N LYS B 154 3.22 -6.09 38.39
CA LYS B 154 1.94 -6.11 37.70
C LYS B 154 2.06 -6.43 36.21
N GLY B 155 3.25 -6.80 35.75
CA GLY B 155 3.46 -7.14 34.36
C GLY B 155 3.90 -5.94 33.58
N PRO B 156 4.20 -6.13 32.30
CA PRO B 156 4.72 -5.02 31.49
C PRO B 156 3.70 -3.93 31.28
N THR B 157 4.19 -2.75 30.88
CA THR B 157 3.35 -1.70 30.34
C THR B 157 3.33 -1.80 28.82
N PHE B 158 2.13 -1.86 28.24
CA PHE B 158 2.00 -1.95 26.78
C PHE B 158 0.88 -1.05 26.32
N GLY B 159 1.18 -0.17 25.37
CA GLY B 159 0.22 0.80 24.87
C GLY B 159 0.57 1.19 23.45
N THR B 160 -0.40 1.79 22.77
CA THR B 160 -0.24 2.19 21.38
C THR B 160 -0.50 3.68 21.24
N LYS B 161 0.46 4.38 20.64
CA LYS B 161 0.35 5.78 20.26
C LYS B 161 -0.14 5.84 18.82
N VAL B 162 -1.33 6.37 18.61
CA VAL B 162 -1.92 6.44 17.27
C VAL B 162 -1.79 7.88 16.79
N SER B 163 -0.95 8.11 15.78
CA SER B 163 -0.59 9.46 15.39
C SER B 163 -0.79 9.69 13.90
N ASN B 164 -1.02 10.94 13.55
CA ASN B 164 -0.98 11.40 12.17
C ASN B 164 -0.16 12.68 12.13
N TYR B 165 0.52 12.90 11.00
CA TYR B 165 1.33 14.10 10.79
C TYR B 165 0.73 14.82 9.59
N PRO B 166 -0.17 15.77 9.85
CA PRO B 166 -0.93 16.41 8.76
C PRO B 166 -0.03 17.29 7.89
N PRO B 167 -0.45 17.60 6.67
CA PRO B 167 0.34 18.49 5.81
C PRO B 167 0.66 19.79 6.53
N CYS B 168 1.85 20.33 6.28
CA CYS B 168 2.31 21.55 6.93
C CYS B 168 2.69 22.57 5.87
N PRO B 169 2.11 23.78 5.88
CA PRO B 169 2.44 24.74 4.80
C PRO B 169 3.90 25.16 4.78
N LYS B 170 4.60 25.07 5.92
CA LYS B 170 6.00 25.51 6.03
C LYS B 170 6.78 24.51 6.86
N PRO B 171 7.16 23.38 6.28
CA PRO B 171 7.85 22.35 7.06
C PRO B 171 9.19 22.79 7.61
N GLU B 172 9.82 23.81 7.03
CA GLU B 172 11.06 24.34 7.57
C GLU B 172 10.89 24.98 8.94
N MET B 173 9.65 25.25 9.36
CA MET B 173 9.41 25.98 10.59
C MET B 173 9.08 25.10 11.78
N ILE B 174 8.80 23.81 11.57
CA ILE B 174 8.35 22.96 12.68
C ILE B 174 8.57 21.51 12.28
N LYS B 175 8.81 20.67 13.28
CA LYS B 175 8.92 19.24 13.05
C LYS B 175 7.57 18.56 13.30
N GLY B 176 7.35 17.44 12.59
CA GLY B 176 6.26 16.57 12.99
C GLY B 176 6.46 16.04 14.40
N LEU B 177 7.70 15.66 14.71
CA LEU B 177 8.08 15.22 16.04
C LEU B 177 9.58 15.48 16.22
N ARG B 178 9.93 16.32 17.18
CA ARG B 178 11.32 16.69 17.42
C ARG B 178 12.19 15.47 17.76
N ALA B 179 13.51 15.63 17.58
CA ALA B 179 14.43 14.54 17.81
C ALA B 179 14.43 14.10 19.28
N HIS B 180 14.47 12.80 19.50
CA HIS B 180 14.43 12.22 20.84
C HIS B 180 14.84 10.76 20.72
N THR B 181 15.13 10.15 21.87
CA THR B 181 15.21 8.70 21.98
C THR B 181 14.02 8.25 22.82
N ASP B 182 13.60 7.00 22.60
CA ASP B 182 12.45 6.47 23.33
C ASP B 182 12.90 5.98 24.69
N ALA B 183 12.14 6.33 25.74
CA ALA B 183 12.49 5.91 27.09
C ALA B 183 12.33 4.42 27.33
N GLY B 184 11.52 3.73 26.52
CA GLY B 184 10.99 2.43 26.86
C GLY B 184 11.85 1.24 26.48
N GLY B 185 11.18 0.12 26.21
CA GLY B 185 11.82 -1.15 25.96
C GLY B 185 11.94 -1.40 24.47
N ILE B 186 10.94 -2.05 23.88
CA ILE B 186 10.94 -2.33 22.45
C ILE B 186 9.69 -1.68 21.84
N ILE B 187 9.88 -1.01 20.71
CA ILE B 187 8.83 -0.23 20.05
C ILE B 187 8.52 -0.92 18.72
N LEU B 188 7.24 -1.20 18.48
CA LEU B 188 6.80 -1.87 17.26
C LEU B 188 5.90 -0.90 16.52
N LEU B 189 6.37 -0.37 15.41
CA LEU B 189 5.69 0.70 14.67
C LEU B 189 5.09 0.14 13.38
N PHE B 190 3.77 0.34 13.20
CA PHE B 190 3.08 0.15 11.91
C PHE B 190 2.90 1.55 11.28
N GLN B 191 3.74 1.89 10.30
CA GLN B 191 3.71 3.24 9.75
C GLN B 191 3.08 3.25 8.35
N ASP B 192 2.71 4.45 7.90
CA ASP B 192 2.22 4.65 6.53
C ASP B 192 3.14 3.96 5.55
N ASP B 193 2.57 3.22 4.60
CA ASP B 193 3.37 2.53 3.59
C ASP B 193 3.60 3.36 2.32
N LYS B 194 3.22 4.64 2.33
CA LYS B 194 3.51 5.50 1.18
C LYS B 194 4.07 6.87 1.53
N VAL B 195 3.66 7.49 2.62
CA VAL B 195 4.06 8.84 2.97
C VAL B 195 5.24 8.72 3.93
N SER B 196 6.39 9.28 3.54
CA SER B 196 7.56 9.14 4.41
C SER B 196 7.55 10.28 5.44
N GLY B 197 8.50 10.23 6.38
CA GLY B 197 8.59 11.25 7.41
C GLY B 197 9.47 10.85 8.59
N LEU B 198 9.49 9.57 8.93
CA LEU B 198 10.31 9.11 10.04
C LEU B 198 11.77 8.96 9.61
N GLN B 199 12.68 9.49 10.43
CA GLN B 199 14.11 9.54 10.16
C GLN B 199 14.87 9.21 11.44
N LEU B 200 15.93 8.44 11.32
CA LEU B 200 16.84 8.17 12.42
C LEU B 200 18.20 8.80 12.13
N LEU B 201 18.98 9.01 13.18
CA LEU B 201 20.32 9.58 13.03
C LEU B 201 21.31 8.44 12.94
N LYS B 202 22.10 8.39 11.86
CA LYS B 202 23.14 7.37 11.76
C LYS B 202 24.38 7.92 11.08
N ASP B 203 25.54 7.72 11.71
CA ASP B 203 26.85 8.19 11.23
C ASP B 203 26.78 9.65 10.78
N GLY B 204 26.05 10.47 11.54
CA GLY B 204 25.98 11.89 11.28
C GLY B 204 25.04 12.32 10.18
N ASP B 205 24.13 11.44 9.76
CA ASP B 205 23.13 11.77 8.73
C ASP B 205 21.75 11.38 9.22
N TRP B 206 20.75 12.20 8.86
CA TRP B 206 19.36 11.81 8.97
C TRP B 206 19.03 10.87 7.81
N ILE B 207 18.54 9.67 8.15
CA ILE B 207 18.26 8.61 7.18
C ILE B 207 16.79 8.27 7.28
N ASP B 208 16.10 8.27 6.13
CA ASP B 208 14.69 7.91 6.10
C ASP B 208 14.49 6.45 6.50
N VAL B 209 13.50 6.22 7.37
CA VAL B 209 13.00 4.89 7.65
C VAL B 209 11.97 4.58 6.57
N PRO B 210 12.29 3.75 5.58
CA PRO B 210 11.50 3.72 4.33
C PRO B 210 10.12 3.14 4.53
N PRO B 211 9.08 3.80 4.03
CA PRO B 211 7.74 3.19 4.04
C PRO B 211 7.78 1.89 3.25
N LEU B 212 7.28 0.82 3.87
CA LEU B 212 7.31 -0.51 3.26
C LEU B 212 6.03 -1.25 3.60
N ASN B 213 5.36 -1.71 2.56
CA ASN B 213 4.01 -2.28 2.67
C ASN B 213 4.01 -3.51 3.59
N HIS B 214 3.09 -3.51 4.56
CA HIS B 214 2.89 -4.66 5.45
C HIS B 214 4.14 -5.01 6.26
N SER B 215 5.02 -4.02 6.51
CA SER B 215 6.18 -4.21 7.39
C SER B 215 5.89 -3.63 8.76
N ILE B 216 6.68 -4.07 9.75
CA ILE B 216 6.73 -3.43 11.06
C ILE B 216 8.13 -2.86 11.27
N VAL B 217 8.22 -1.65 11.83
CA VAL B 217 9.51 -1.04 12.19
C VAL B 217 9.78 -1.31 13.67
N ILE B 218 10.96 -1.85 13.97
CA ILE B 218 11.39 -2.14 15.34
C ILE B 218 12.47 -1.14 15.72
N ASN B 219 12.36 -0.52 16.88
CA ASN B 219 13.51 0.15 17.47
C ASN B 219 13.53 -0.11 18.97
N LEU B 220 14.72 0.06 19.56
CA LEU B 220 14.99 -0.20 20.97
C LEU B 220 15.11 1.11 21.74
N GLY B 221 14.56 1.13 22.96
CA GLY B 221 14.55 2.33 23.77
C GLY B 221 15.64 2.32 24.85
N ASP B 222 15.60 3.37 25.69
CA ASP B 222 16.67 3.62 26.66
C ASP B 222 16.86 2.44 27.62
N GLN B 223 15.79 1.72 27.95
CA GLN B 223 15.88 0.63 28.92
C GLN B 223 16.73 -0.52 28.38
N LEU B 224 16.59 -0.85 27.10
CA LEU B 224 17.42 -1.90 26.53
C LEU B 224 18.89 -1.46 26.45
N GLU B 225 19.15 -0.16 26.27
CA GLU B 225 20.54 0.30 26.32
C GLU B 225 21.15 0.03 27.69
N VAL B 226 20.41 0.32 28.77
CA VAL B 226 20.87 0.02 30.12
C VAL B 226 21.14 -1.47 30.29
N ILE B 227 20.13 -2.30 30.02
CA ILE B 227 20.23 -3.72 30.28
C ILE B 227 21.36 -4.37 29.48
N THR B 228 21.58 -3.91 28.24
CA THR B 228 22.68 -4.45 27.45
C THR B 228 24.03 -3.78 27.77
N ASN B 229 24.08 -2.88 28.74
CA ASN B 229 25.33 -2.21 29.11
C ASN B 229 25.92 -1.46 27.91
N GLY B 230 25.05 -0.83 27.12
CA GLY B 230 25.47 -0.07 25.96
C GLY B 230 25.69 -0.86 24.68
N LYS B 231 25.51 -2.18 24.71
CA LYS B 231 25.73 -2.92 23.48
C LYS B 231 24.71 -2.54 22.41
N TYR B 232 23.45 -2.33 22.81
CA TYR B 232 22.40 -1.83 21.93
C TYR B 232 22.00 -0.43 22.40
N LYS B 233 22.36 0.60 21.65
CA LYS B 233 22.01 1.96 22.04
C LYS B 233 20.66 2.39 21.46
N SER B 234 19.93 3.19 22.23
CA SER B 234 18.69 3.78 21.75
C SER B 234 19.03 5.00 20.90
N VAL B 235 18.52 5.02 19.68
CA VAL B 235 18.98 5.94 18.63
C VAL B 235 18.04 7.12 18.49
N LEU B 236 18.59 8.31 18.22
CA LEU B 236 17.78 9.50 17.98
C LEU B 236 16.98 9.37 16.69
N HIS B 237 15.73 9.85 16.72
CA HIS B 237 14.87 9.81 15.55
C HIS B 237 13.91 10.98 15.63
N ARG B 238 13.31 11.32 14.49
CA ARG B 238 12.41 12.47 14.39
C ARG B 238 11.40 12.20 13.28
N VAL B 239 10.34 13.01 13.24
CA VAL B 239 9.39 12.96 12.14
C VAL B 239 9.33 14.36 11.50
N VAL B 240 9.59 14.43 10.19
CA VAL B 240 9.53 15.71 9.47
C VAL B 240 8.21 15.78 8.71
N THR B 241 7.66 16.98 8.59
CA THR B 241 6.43 17.24 7.87
C THR B 241 6.72 17.48 6.39
N GLN B 242 5.63 17.51 5.60
CA GLN B 242 5.67 17.87 4.18
C GLN B 242 4.46 18.72 3.86
N GLN B 243 4.53 19.47 2.76
CA GLN B 243 3.42 20.32 2.35
C GLN B 243 2.23 19.51 1.90
N GLU B 244 2.47 18.30 1.39
CA GLU B 244 1.44 17.39 0.94
C GLU B 244 1.68 16.04 1.60
N GLY B 245 0.59 15.32 1.88
CA GLY B 245 0.70 14.03 2.50
C GLY B 245 0.47 14.04 4.00
N ASN B 246 -0.23 13.04 4.49
CA ASN B 246 -0.56 12.90 5.91
C ASN B 246 -0.04 11.53 6.33
N ARG B 247 1.07 11.52 7.07
CA ARG B 247 1.70 10.25 7.45
C ARG B 247 1.00 9.66 8.68
N MET B 248 0.47 8.44 8.53
CA MET B 248 -0.06 7.66 9.63
C MET B 248 1.05 6.97 10.42
N SER B 249 0.84 6.84 11.72
CA SER B 249 1.80 6.20 12.61
C SER B 249 1.04 5.47 13.73
N VAL B 250 1.17 4.15 13.79
CA VAL B 250 0.56 3.34 14.84
C VAL B 250 1.70 2.63 15.56
N ALA B 251 2.14 3.20 16.70
CA ALA B 251 3.39 2.83 17.34
C ALA B 251 3.08 2.27 18.73
N SER B 252 3.45 1.01 18.95
CA SER B 252 3.15 0.32 20.21
C SER B 252 4.45 0.12 21.01
N PHE B 253 4.37 0.36 22.31
CA PHE B 253 5.55 0.43 23.20
C PHE B 253 5.42 -0.66 24.25
N TYR B 254 6.33 -1.65 24.21
CA TYR B 254 6.40 -2.72 25.22
C TYR B 254 7.47 -2.30 26.22
N ASN B 255 7.02 -1.83 27.38
CA ASN B 255 7.87 -1.22 28.40
C ASN B 255 7.82 -2.02 29.69
N PRO B 256 8.84 -1.88 30.55
CA PRO B 256 8.79 -2.55 31.86
C PRO B 256 7.62 -2.07 32.69
N GLY B 257 7.16 -2.93 33.62
CA GLY B 257 6.23 -2.49 34.63
C GLY B 257 6.83 -1.38 35.46
N SER B 258 5.97 -0.56 36.10
CA SER B 258 6.48 0.67 36.69
C SER B 258 7.47 0.43 37.84
N ASP B 259 7.32 -0.65 38.60
CA ASP B 259 8.23 -0.93 39.70
C ASP B 259 9.34 -1.91 39.33
N ALA B 260 9.51 -2.23 38.06
CA ALA B 260 10.58 -3.13 37.62
C ALA B 260 11.96 -2.54 37.90
N GLU B 261 12.88 -3.41 38.35
CA GLU B 261 14.27 -3.01 38.61
C GLU B 261 15.10 -3.18 37.34
N ILE B 262 15.65 -2.08 36.85
CA ILE B 262 16.37 -2.06 35.58
C ILE B 262 17.86 -1.89 35.88
N SER B 263 18.68 -2.83 35.42
CA SER B 263 20.12 -2.73 35.61
C SER B 263 20.84 -3.43 34.47
N PRO B 264 22.11 -3.12 34.23
CA PRO B 264 22.88 -3.89 33.23
C PRO B 264 22.93 -5.37 33.60
N ALA B 265 22.67 -6.23 32.62
CA ALA B 265 22.72 -7.67 32.88
C ALA B 265 24.14 -8.09 33.23
N THR B 266 24.26 -8.91 34.27
CA THR B 266 25.54 -9.31 34.84
C THR B 266 26.51 -9.86 33.80
N SER B 267 26.03 -10.77 32.95
CA SER B 267 26.92 -11.41 31.99
C SER B 267 27.44 -10.44 30.93
N LEU B 268 26.85 -9.26 30.79
CA LEU B 268 27.27 -8.28 29.79
C LEU B 268 28.20 -7.22 30.34
N VAL B 269 28.62 -7.33 31.61
CA VAL B 269 29.47 -6.35 32.26
C VAL B 269 30.80 -7.03 32.58
N GLU B 270 31.89 -6.53 32.01
CA GLU B 270 33.19 -7.08 32.38
C GLU B 270 33.66 -6.49 33.71
N LYS B 271 34.04 -5.21 33.71
CA LYS B 271 34.48 -4.66 35.00
C LYS B 271 33.37 -3.85 35.65
N ASP B 272 33.35 -2.53 35.43
CA ASP B 272 32.33 -1.67 36.03
C ASP B 272 31.52 -1.00 34.93
N SER B 273 30.20 -1.05 35.06
CA SER B 273 29.33 -0.45 34.04
C SER B 273 29.30 1.05 34.21
N GLU B 274 29.21 1.77 33.08
CA GLU B 274 28.90 3.18 33.10
C GLU B 274 27.41 3.44 33.29
N TYR B 275 26.58 2.43 33.19
CA TYR B 275 25.13 2.59 33.25
C TYR B 275 24.60 2.40 34.67
N PRO B 276 23.51 3.08 35.01
CA PRO B 276 22.95 3.02 36.36
C PRO B 276 22.02 1.82 36.55
N SER B 277 21.64 1.60 37.81
CA SER B 277 20.55 0.70 38.19
C SER B 277 19.44 1.52 38.84
N PHE B 278 18.19 1.23 38.48
CA PHE B 278 17.10 2.08 38.94
C PHE B 278 15.77 1.35 38.77
N VAL B 279 14.71 1.99 39.27
CA VAL B 279 13.34 1.52 39.10
C VAL B 279 12.72 2.27 37.93
N PHE B 280 12.03 1.53 37.04
CA PHE B 280 11.59 2.11 35.78
C PHE B 280 10.78 3.39 35.97
N ASP B 281 9.85 3.42 36.93
CA ASP B 281 8.98 4.58 37.04
C ASP B 281 9.76 5.86 37.37
N ASP B 282 10.86 5.74 38.14
CA ASP B 282 11.71 6.90 38.39
C ASP B 282 12.31 7.44 37.10
N TYR B 283 12.74 6.55 36.20
CA TYR B 283 13.22 7.01 34.89
C TYR B 283 12.11 7.72 34.12
N MET B 284 10.89 7.16 34.12
CA MET B 284 9.81 7.76 33.36
C MET B 284 9.41 9.13 33.88
N LYS B 285 9.37 9.30 35.21
CA LYS B 285 8.98 10.60 35.72
C LYS B 285 10.02 11.67 35.41
N LEU B 286 11.29 11.31 35.40
CA LEU B 286 12.29 12.29 34.93
C LEU B 286 12.16 12.51 33.43
N TYR B 287 12.02 11.43 32.65
CA TYR B 287 11.96 11.53 31.20
C TYR B 287 10.88 12.48 30.71
N ALA B 288 9.71 12.45 31.36
CA ALA B 288 8.56 13.22 30.89
C ALA B 288 8.90 14.69 30.68
N GLY B 289 9.70 15.27 31.59
CA GLY B 289 10.00 16.68 31.51
C GLY B 289 11.19 17.04 30.64
N VAL B 290 11.98 16.06 30.20
CA VAL B 290 13.24 16.37 29.51
C VAL B 290 13.37 15.55 28.23
N LYS B 291 12.22 15.13 27.67
CA LYS B 291 12.22 14.18 26.56
C LYS B 291 13.06 14.67 25.37
N PHE B 292 13.04 15.98 25.09
CA PHE B 292 13.71 16.50 23.90
C PHE B 292 15.05 17.15 24.20
N GLN B 293 15.60 16.94 25.39
CA GLN B 293 16.98 17.26 25.75
C GLN B 293 17.87 16.02 25.58
N PRO B 294 19.20 16.14 25.70
CA PRO B 294 20.07 14.98 25.47
C PRO B 294 19.74 13.77 26.33
N LYS B 295 19.98 12.58 25.77
CA LYS B 295 19.73 11.33 26.48
C LYS B 295 20.75 11.11 27.61
N GLU B 296 22.02 11.45 27.36
CA GLU B 296 23.09 11.06 28.27
C GLU B 296 22.90 11.56 29.69
N PRO B 297 22.48 12.80 29.97
CA PRO B 297 22.27 13.20 31.37
C PRO B 297 21.21 12.38 32.10
N ARG B 298 20.27 11.75 31.38
CA ARG B 298 19.23 10.97 32.06
C ARG B 298 19.80 9.74 32.74
N PHE B 299 20.74 9.03 32.09
CA PHE B 299 21.41 7.94 32.78
C PHE B 299 22.20 8.45 33.98
N ALA B 300 22.87 9.59 33.83
CA ALA B 300 23.64 10.12 34.95
C ALA B 300 22.74 10.49 36.12
N ALA B 301 21.52 10.95 35.83
CA ALA B 301 20.58 11.33 36.87
C ALA B 301 20.12 10.16 37.72
N MET B 302 20.20 8.93 37.21
CA MET B 302 19.78 7.77 37.98
C MET B 302 20.86 7.28 38.96
N LYS B 303 21.97 8.00 39.08
CA LYS B 303 23.04 7.58 39.97
C LYS B 303 23.00 8.35 41.28
ZN ZN C . -13.05 -5.24 -18.77
C1 VGL D . -11.85 -3.34 -16.91
C3 VGL D . -10.12 -4.82 -17.21
C4 VGL D . -9.39 -4.16 -16.22
C2 VGL D . -13.25 -2.84 -17.25
C6 VGL D . -11.13 -2.69 -15.90
O1 VGL D . -13.97 -3.46 -18.10
O2 VGL D . -13.64 -1.78 -16.71
N2 VGL D . -11.33 -4.38 -17.53
N5 VGL D . -9.91 -3.11 -15.59
ZN ZN E . 10.20 7.83 19.47
C1 VGL F . 7.89 6.94 17.89
C3 VGL F . 9.63 5.51 17.45
C4 VGL F . 8.88 4.90 16.43
C2 VGL F . 7.31 8.08 18.70
C6 VGL F . 7.13 6.34 16.87
O1 VGL F . 6.12 8.50 18.47
O2 VGL F . 8.03 8.61 19.60
N2 VGL F . 9.11 6.50 18.14
N5 VGL F . 7.65 5.33 16.17
#